data_2UYJ
#
_entry.id   2UYJ
#
_cell.length_a   72.671
_cell.length_b   86.224
_cell.length_c   62.617
_cell.angle_alpha   90.00
_cell.angle_beta   90.00
_cell.angle_gamma   90.00
#
_symmetry.space_group_name_H-M   'P 21 21 2'
#
loop_
_entity.id
_entity.type
_entity.pdbx_description
1 polymer 'PROTEIN TDCF'
2 non-polymer 1,2-ETHANEDIOL
3 water water
#
_entity_poly.entity_id   1
_entity_poly.type   'polypeptide(L)'
_entity_poly.pdbx_seq_one_letter_code
;MKKIIETQRAPGAIGPYVQGVDLGSMVFTSGQIPV(OCS)PQTGEIPADVQDQARLSLENVKAIVVAAGLSVGDIIKMTV
FITDLNDFATINEVYKQFFDEHQATYPTRSCVQVARLPKDVKLEIEAIAVRSA
;
_entity_poly.pdbx_strand_id   A,B,C
#
# COMPACT_ATOMS: atom_id res chain seq x y z
N MET A 1 -16.92 -10.84 -1.87
CA MET A 1 -17.85 -11.40 -2.91
C MET A 1 -17.11 -11.92 -4.14
N LYS A 2 -15.85 -11.46 -4.30
CA LYS A 2 -14.98 -11.68 -5.47
C LYS A 2 -15.59 -11.70 -6.90
N LYS A 3 -15.46 -10.58 -7.59
CA LYS A 3 -15.76 -10.52 -9.02
C LYS A 3 -14.56 -9.80 -9.65
N ILE A 4 -13.98 -10.44 -10.66
CA ILE A 4 -12.94 -9.85 -11.49
C ILE A 4 -13.49 -8.71 -12.35
N ILE A 5 -12.83 -7.54 -12.29
CA ILE A 5 -13.16 -6.41 -13.13
C ILE A 5 -12.25 -6.40 -14.38
N GLU A 6 -12.90 -6.34 -15.53
CA GLU A 6 -12.25 -6.42 -16.83
C GLU A 6 -12.81 -5.30 -17.72
N THR A 7 -11.94 -4.46 -18.27
CA THR A 7 -12.39 -3.37 -19.16
C THR A 7 -11.42 -3.01 -20.29
N GLN A 8 -12.00 -2.66 -21.44
CA GLN A 8 -11.27 -2.33 -22.67
C GLN A 8 -10.85 -0.86 -22.54
N ARG A 9 -11.50 -0.16 -21.62
CA ARG A 9 -11.27 1.26 -21.32
C ARG A 9 -10.05 1.55 -20.41
N ALA A 10 -9.44 0.50 -19.89
CA ALA A 10 -8.14 0.61 -19.24
C ALA A 10 -7.18 -0.37 -19.96
N PRO A 11 -5.86 -0.18 -19.77
CA PRO A 11 -4.86 -1.00 -20.50
C PRO A 11 -4.91 -2.48 -20.08
N GLY A 12 -4.73 -3.37 -21.06
CA GLY A 12 -4.93 -4.79 -20.80
C GLY A 12 -3.92 -5.33 -19.81
N ALA A 13 -4.43 -6.11 -18.86
CA ALA A 13 -3.60 -6.79 -17.88
C ALA A 13 -2.50 -7.50 -18.67
N ILE A 14 -1.29 -6.95 -18.63
CA ILE A 14 -0.16 -7.49 -19.39
C ILE A 14 0.33 -8.82 -18.72
N GLY A 15 0.86 -8.72 -17.48
CA GLY A 15 1.30 -9.92 -16.70
C GLY A 15 0.24 -10.56 -15.82
N PRO A 16 0.68 -11.26 -14.76
CA PRO A 16 -0.24 -12.07 -13.93
C PRO A 16 -1.02 -11.23 -12.89
N TYR A 17 -1.95 -10.42 -13.38
CA TYR A 17 -2.86 -9.68 -12.51
C TYR A 17 -4.20 -9.40 -13.22
N VAL A 18 -5.20 -9.00 -12.44
CA VAL A 18 -6.44 -8.51 -13.01
C VAL A 18 -6.46 -7.02 -12.78
N GLN A 19 -7.20 -6.27 -13.60
CA GLN A 19 -7.29 -4.83 -13.42
C GLN A 19 -7.95 -4.38 -12.12
N GLY A 20 -8.99 -5.07 -11.68
CA GLY A 20 -9.75 -4.68 -10.51
C GLY A 20 -10.42 -5.90 -9.96
N VAL A 21 -10.77 -5.84 -8.67
CA VAL A 21 -11.63 -6.82 -8.01
C VAL A 21 -12.68 -6.10 -7.19
N ASP A 22 -13.87 -6.68 -7.23
CA ASP A 22 -15.05 -6.11 -6.64
C ASP A 22 -15.45 -7.16 -5.58
N LEU A 23 -15.39 -6.71 -4.33
CA LEU A 23 -15.69 -7.51 -3.16
C LEU A 23 -17.06 -7.21 -2.63
N GLY A 24 -17.91 -6.51 -3.40
CA GLY A 24 -19.20 -6.07 -2.91
C GLY A 24 -19.20 -4.70 -2.21
N SER A 25 -18.72 -4.66 -0.98
CA SER A 25 -18.56 -3.42 -0.22
C SER A 25 -17.38 -2.55 -0.71
N MET A 26 -16.31 -3.20 -1.19
CA MET A 26 -15.06 -2.59 -1.61
C MET A 26 -14.60 -3.00 -2.98
N VAL A 27 -13.97 -2.07 -3.70
CA VAL A 27 -13.26 -2.38 -4.97
C VAL A 27 -11.76 -2.00 -4.86
N PHE A 28 -10.86 -2.89 -5.32
CA PHE A 28 -9.42 -2.61 -5.39
C PHE A 28 -9.00 -2.59 -6.84
N THR A 29 -8.25 -1.57 -7.25
CA THR A 29 -7.65 -1.57 -8.60
C THR A 29 -6.19 -2.06 -8.50
N SER A 30 -5.68 -2.72 -9.55
CA SER A 30 -4.21 -2.81 -9.77
C SER A 30 -3.59 -1.38 -9.85
N GLY A 31 -2.29 -1.24 -9.59
CA GLY A 31 -1.59 0.01 -9.80
C GLY A 31 -1.64 0.39 -11.26
N GLN A 32 -2.20 1.56 -11.55
CA GLN A 32 -2.41 2.03 -12.93
C GLN A 32 -1.25 2.94 -13.37
N ILE A 33 -0.62 2.57 -14.49
CA ILE A 33 0.43 3.36 -15.08
C ILE A 33 -0.13 4.13 -16.32
N PRO A 34 0.54 5.22 -16.74
CA PRO A 34 0.10 5.95 -17.94
C PRO A 34 0.30 5.21 -19.27
N VAL A 35 -0.42 4.10 -19.46
CA VAL A 35 -0.38 3.38 -20.74
C VAL A 35 -1.71 3.60 -21.44
N PRO A 37 -4.91 2.92 -23.18
CA PRO A 37 -5.67 1.65 -23.31
C PRO A 37 -5.79 1.18 -24.77
N GLN A 38 -6.13 2.10 -25.68
CA GLN A 38 -6.24 1.79 -27.13
C GLN A 38 -4.89 1.61 -27.91
N THR A 39 -3.87 2.41 -27.61
CA THR A 39 -2.63 2.34 -28.42
C THR A 39 -1.37 1.73 -27.75
N GLY A 40 -1.41 1.53 -26.44
CA GLY A 40 -0.21 1.12 -25.69
C GLY A 40 0.88 2.18 -25.53
N GLU A 41 0.66 3.41 -26.00
CA GLU A 41 1.67 4.49 -25.89
C GLU A 41 1.77 5.09 -24.50
N ILE A 42 3.00 5.50 -24.12
CA ILE A 42 3.19 6.27 -22.89
C ILE A 42 3.38 7.76 -23.25
N PRO A 43 2.46 8.64 -22.78
CA PRO A 43 2.74 10.07 -23.11
C PRO A 43 4.02 10.54 -22.41
N ALA A 44 4.74 11.43 -23.07
CA ALA A 44 6.04 11.88 -22.57
C ALA A 44 5.94 12.86 -21.42
N ASP A 45 5.00 13.82 -21.47
CA ASP A 45 4.86 14.87 -20.44
C ASP A 45 4.23 14.33 -19.18
N VAL A 46 4.75 14.79 -18.04
CA VAL A 46 4.21 14.39 -16.73
C VAL A 46 2.73 14.78 -16.50
N GLN A 47 2.28 15.87 -17.11
CA GLN A 47 0.84 16.29 -17.06
C GLN A 47 -0.09 15.25 -17.71
N ASP A 48 0.28 14.87 -18.92
CA ASP A 48 -0.44 13.82 -19.63
C ASP A 48 -0.32 12.44 -18.95
N GLN A 49 0.86 12.12 -18.40
CA GLN A 49 1.02 10.89 -17.63
C GLN A 49 0.14 10.83 -16.40
N ALA A 50 0.12 11.92 -15.63
CA ALA A 50 -0.73 12.05 -14.45
C ALA A 50 -2.24 11.89 -14.79
N ARG A 51 -2.67 12.61 -15.81
CA ARG A 51 -4.00 12.56 -16.35
C ARG A 51 -4.36 11.18 -16.84
N LEU A 52 -3.45 10.53 -17.54
CA LEU A 52 -3.74 9.19 -18.06
C LEU A 52 -3.85 8.10 -16.98
N SER A 53 -3.02 8.09 -15.94
CA SER A 53 -3.19 7.07 -14.89
C SER A 53 -4.47 7.24 -14.20
N LEU A 54 -4.83 8.47 -13.85
CA LEU A 54 -6.13 8.76 -13.22
C LEU A 54 -7.32 8.28 -14.03
N GLU A 55 -7.26 8.41 -15.35
CA GLU A 55 -8.28 7.96 -16.31
C GLU A 55 -8.38 6.46 -16.36
N ASN A 56 -7.22 5.80 -16.27
CA ASN A 56 -7.18 4.36 -16.19
C ASN A 56 -7.77 3.85 -14.90
N VAL A 57 -7.52 4.55 -13.79
CA VAL A 57 -8.12 4.20 -12.48
C VAL A 57 -9.68 4.30 -12.55
N LYS A 58 -10.13 5.45 -13.08
CA LYS A 58 -11.52 5.77 -13.41
C LYS A 58 -12.18 4.66 -14.20
N ALA A 59 -11.57 4.22 -15.29
CA ALA A 59 -12.15 3.20 -16.15
C ALA A 59 -12.47 1.91 -15.38
N ILE A 60 -11.55 1.46 -14.54
CA ILE A 60 -11.76 0.25 -13.76
C ILE A 60 -12.83 0.42 -12.67
N VAL A 61 -12.85 1.58 -12.01
CA VAL A 61 -13.77 1.87 -10.92
C VAL A 61 -15.24 1.97 -11.48
N VAL A 62 -15.39 2.62 -12.63
CA VAL A 62 -16.62 2.67 -13.42
C VAL A 62 -17.06 1.32 -13.97
N ALA A 63 -16.15 0.48 -14.47
CA ALA A 63 -16.54 -0.86 -14.94
C ALA A 63 -17.19 -1.71 -13.80
N ALA A 64 -16.85 -1.41 -12.53
CA ALA A 64 -17.43 -2.05 -11.35
C ALA A 64 -18.80 -1.53 -10.92
N GLY A 65 -19.31 -0.51 -11.60
CA GLY A 65 -20.58 0.12 -11.18
C GLY A 65 -20.41 1.29 -10.24
N LEU A 66 -19.18 1.83 -10.14
CA LEU A 66 -18.93 2.91 -9.20
C LEU A 66 -18.55 4.17 -9.96
N SER A 67 -18.13 5.18 -9.21
CA SER A 67 -17.63 6.39 -9.82
C SER A 67 -16.41 6.89 -9.03
N VAL A 68 -15.71 7.89 -9.57
CA VAL A 68 -14.58 8.55 -8.92
C VAL A 68 -14.89 9.07 -7.53
N GLY A 69 -16.12 9.49 -7.29
CA GLY A 69 -16.53 9.96 -5.98
C GLY A 69 -16.63 8.88 -4.92
N ASP A 70 -16.52 7.61 -5.31
CA ASP A 70 -16.49 6.51 -4.38
C ASP A 70 -15.09 6.08 -3.95
N ILE A 71 -14.05 6.70 -4.59
CA ILE A 71 -12.66 6.41 -4.27
C ILE A 71 -12.29 7.00 -2.89
N ILE A 72 -11.90 6.13 -1.96
CA ILE A 72 -11.61 6.55 -0.59
C ILE A 72 -10.08 6.56 -0.25
N LYS A 73 -9.30 5.85 -1.05
CA LYS A 73 -7.86 5.73 -0.82
C LYS A 73 -7.08 5.60 -2.13
N MET A 74 -5.99 6.39 -2.25
CA MET A 74 -5.03 6.21 -3.33
C MET A 74 -3.57 6.20 -2.88
N THR A 75 -2.76 5.36 -3.48
CA THR A 75 -1.31 5.48 -3.30
C THR A 75 -0.68 5.91 -4.64
N VAL A 76 0.10 6.99 -4.63
CA VAL A 76 0.64 7.55 -5.85
C VAL A 76 2.16 7.36 -5.76
N PHE A 77 2.69 6.29 -6.37
CA PHE A 77 4.13 6.08 -6.49
C PHE A 77 4.62 6.90 -7.69
N ILE A 78 5.63 7.76 -7.42
CA ILE A 78 6.16 8.63 -8.43
C ILE A 78 7.68 8.50 -8.52
N THR A 79 8.28 8.96 -9.62
CA THR A 79 9.76 8.86 -9.74
C THR A 79 10.48 10.19 -9.51
N ASP A 80 9.72 11.29 -9.47
CA ASP A 80 10.31 12.60 -9.21
C ASP A 80 9.36 13.48 -8.41
N LEU A 81 9.74 13.75 -7.15
CA LEU A 81 8.98 14.73 -6.36
C LEU A 81 8.90 16.16 -6.90
N ASN A 82 9.87 16.58 -7.68
CA ASN A 82 9.78 17.84 -8.46
C ASN A 82 8.64 17.88 -9.46
N ASP A 83 8.11 16.73 -9.85
CA ASP A 83 6.90 16.62 -10.73
C ASP A 83 5.65 16.82 -9.89
N PHE A 84 5.83 16.95 -8.59
CA PHE A 84 4.70 16.80 -7.68
C PHE A 84 3.63 17.89 -7.79
N ALA A 85 4.05 19.16 -7.93
CA ALA A 85 3.13 20.30 -8.17
C ALA A 85 2.21 20.11 -9.37
N THR A 86 2.73 19.62 -10.49
CA THR A 86 1.98 19.30 -11.71
C THR A 86 1.08 18.09 -11.55
N ILE A 87 1.59 17.02 -10.95
CA ILE A 87 0.75 15.85 -10.66
C ILE A 87 -0.45 16.22 -9.78
N ASN A 88 -0.19 17.03 -8.78
CA ASN A 88 -1.16 17.44 -7.81
C ASN A 88 -2.22 18.37 -8.42
N GLU A 89 -1.82 19.22 -9.39
CA GLU A 89 -2.74 20.09 -10.08
C GLU A 89 -3.67 19.27 -10.94
N VAL A 90 -3.12 18.35 -11.74
CA VAL A 90 -3.91 17.40 -12.53
C VAL A 90 -4.86 16.61 -11.63
N TYR A 91 -4.34 16.14 -10.52
CA TYR A 91 -5.05 15.22 -9.60
C TYR A 91 -6.20 15.93 -8.88
N LYS A 92 -5.99 17.21 -8.50
CA LYS A 92 -7.05 18.06 -7.92
C LYS A 92 -8.17 18.32 -8.91
N GLN A 93 -7.77 18.70 -10.14
CA GLN A 93 -8.66 18.96 -11.27
C GLN A 93 -9.56 17.78 -11.59
N PHE A 94 -9.02 16.56 -11.54
CA PHE A 94 -9.73 15.27 -11.72
C PHE A 94 -10.88 15.01 -10.68
N PHE A 95 -10.59 15.20 -9.39
CA PHE A 95 -11.62 15.00 -8.43
C PHE A 95 -12.66 16.14 -8.54
N ASP A 96 -12.19 17.39 -8.61
CA ASP A 96 -13.05 18.55 -8.87
C ASP A 96 -13.97 18.35 -10.06
N GLU A 97 -13.42 18.02 -11.23
CA GLU A 97 -14.22 17.75 -12.44
C GLU A 97 -15.42 16.84 -12.17
N HIS A 98 -15.22 15.89 -11.25
CA HIS A 98 -16.15 14.81 -10.99
C HIS A 98 -16.94 15.06 -9.75
N GLN A 99 -16.78 16.27 -9.21
CA GLN A 99 -17.50 16.73 -8.01
C GLN A 99 -17.31 15.71 -6.89
N ALA A 100 -16.04 15.31 -6.71
CA ALA A 100 -15.68 14.19 -5.85
C ALA A 100 -14.90 14.68 -4.63
N THR A 101 -15.24 14.21 -3.45
CA THR A 101 -14.43 14.44 -2.25
C THR A 101 -13.06 13.82 -2.50
N TYR A 102 -12.01 14.48 -2.02
CA TYR A 102 -10.66 14.00 -2.14
C TYR A 102 -10.43 12.74 -1.25
N PRO A 103 -9.81 11.67 -1.80
CA PRO A 103 -9.60 10.51 -0.93
C PRO A 103 -8.42 10.75 0.03
N THR A 104 -8.20 9.81 0.91
CA THR A 104 -6.91 9.71 1.55
C THR A 104 -5.83 9.33 0.50
N ARG A 105 -4.59 9.67 0.79
CA ARG A 105 -3.53 9.54 -0.15
C ARG A 105 -2.16 9.25 0.54
N SER A 106 -1.31 8.52 -0.14
CA SER A 106 0.11 8.47 0.19
C SER A 106 0.85 8.72 -1.12
N CYS A 107 1.92 9.48 -1.03
CA CYS A 107 2.70 9.74 -2.22
C CYS A 107 4.19 9.59 -1.88
N VAL A 108 4.87 8.69 -2.59
CA VAL A 108 6.27 8.45 -2.30
C VAL A 108 7.07 8.47 -3.59
N GLN A 109 8.34 8.90 -3.51
CA GLN A 109 9.22 8.81 -4.68
C GLN A 109 10.02 7.51 -4.67
N VAL A 110 9.71 6.62 -5.60
CA VAL A 110 10.39 5.32 -5.70
C VAL A 110 11.58 5.42 -6.66
N ALA A 111 12.31 4.34 -6.82
CA ALA A 111 13.44 4.31 -7.76
C ALA A 111 13.03 4.29 -9.24
N ARG A 112 12.00 3.53 -9.58
CA ARG A 112 11.68 3.22 -10.99
C ARG A 112 10.37 2.44 -11.01
N LEU A 113 9.68 2.47 -12.15
CA LEU A 113 8.34 1.89 -12.26
C LEU A 113 8.28 1.07 -13.53
N PRO A 114 7.34 0.12 -13.64
CA PRO A 114 7.18 -0.66 -14.85
C PRO A 114 7.10 0.20 -16.07
N LYS A 115 7.86 -0.15 -17.09
CA LYS A 115 7.89 0.59 -18.39
C LYS A 115 8.35 2.03 -18.27
N ASP A 116 9.11 2.33 -17.23
CA ASP A 116 9.71 3.66 -17.04
C ASP A 116 8.72 4.84 -17.04
N VAL A 117 7.51 4.57 -16.53
CA VAL A 117 6.49 5.59 -16.26
C VAL A 117 6.91 6.42 -15.06
N LYS A 118 6.43 7.66 -14.98
CA LYS A 118 6.74 8.61 -13.91
C LYS A 118 5.85 8.45 -12.65
N LEU A 119 4.72 7.76 -12.81
CA LEU A 119 3.81 7.48 -11.72
C LEU A 119 3.05 6.20 -11.94
N GLU A 120 2.77 5.56 -10.83
CA GLU A 120 1.81 4.46 -10.75
C GLU A 120 0.79 4.77 -9.63
N ILE A 121 -0.50 4.61 -9.92
CA ILE A 121 -1.61 4.91 -8.95
C ILE A 121 -2.53 3.72 -8.67
N GLU A 122 -2.54 3.23 -7.43
CA GLU A 122 -3.52 2.27 -7.01
C GLU A 122 -4.64 2.89 -6.15
N ALA A 123 -5.84 2.32 -6.20
CA ALA A 123 -7.05 2.91 -5.59
C ALA A 123 -7.90 1.85 -4.89
N ILE A 124 -8.63 2.33 -3.88
CA ILE A 124 -9.63 1.57 -3.16
C ILE A 124 -10.91 2.41 -3.17
N ALA A 125 -11.98 1.81 -3.69
CA ALA A 125 -13.33 2.43 -3.77
C ALA A 125 -14.32 1.61 -2.91
N VAL A 126 -15.28 2.29 -2.28
CA VAL A 126 -16.33 1.61 -1.49
C VAL A 126 -17.71 1.91 -2.12
N ARG A 127 -18.66 0.99 -1.98
CA ARG A 127 -19.92 1.10 -2.67
C ARG A 127 -20.89 2.12 -2.09
N SER A 128 -21.10 2.10 -0.77
CA SER A 128 -21.87 3.22 -0.15
C SER A 128 -21.16 3.82 1.10
N MET B 1 -19.62 4.16 5.24
CA MET B 1 -20.34 5.49 5.36
C MET B 1 -19.51 6.76 4.96
N LYS B 2 -18.36 6.58 4.29
CA LYS B 2 -17.50 7.66 3.71
C LYS B 2 -17.27 9.00 4.52
N LYS B 3 -17.26 8.95 5.85
CA LYS B 3 -16.99 10.14 6.65
C LYS B 3 -15.48 10.59 6.58
N ILE B 4 -15.25 11.78 6.03
CA ILE B 4 -13.96 12.48 6.14
C ILE B 4 -13.61 12.72 7.62
N ILE B 5 -12.38 12.40 8.01
CA ILE B 5 -11.87 12.74 9.33
C ILE B 5 -11.00 14.01 9.25
N GLU B 6 -11.25 14.90 10.19
CA GLU B 6 -10.58 16.21 10.26
C GLU B 6 -10.17 16.47 11.68
N THR B 7 -8.87 16.66 11.91
CA THR B 7 -8.39 16.99 13.25
C THR B 7 -7.32 18.07 13.18
N GLN B 8 -7.17 18.84 14.25
CA GLN B 8 -6.15 19.86 14.32
C GLN B 8 -4.96 19.29 15.09
N ARG B 9 -5.11 18.07 15.61
CA ARG B 9 -3.99 17.38 16.25
C ARG B 9 -2.99 16.70 15.26
N ALA B 10 -3.28 16.77 13.97
CA ALA B 10 -2.42 16.29 12.87
C ALA B 10 -2.36 17.48 11.92
N PRO B 11 -1.29 17.59 11.12
CA PRO B 11 -1.22 18.70 10.21
C PRO B 11 -2.41 18.73 9.24
N GLY B 12 -2.96 19.93 9.02
CA GLY B 12 -4.07 20.14 8.08
C GLY B 12 -3.72 19.66 6.70
N ALA B 13 -4.72 19.28 5.92
CA ALA B 13 -4.51 18.92 4.50
C ALA B 13 -3.95 20.05 3.54
N ILE B 14 -2.80 19.76 2.90
CA ILE B 14 -1.98 20.70 2.07
C ILE B 14 -2.14 20.52 0.51
N GLY B 15 -3.40 20.39 0.05
CA GLY B 15 -3.69 19.84 -1.31
C GLY B 15 -4.89 18.91 -1.44
N PRO B 16 -5.00 18.21 -2.59
CA PRO B 16 -6.20 17.37 -2.84
C PRO B 16 -6.28 15.99 -2.10
N TYR B 17 -6.34 16.01 -0.77
CA TYR B 17 -6.52 14.81 0.02
C TYR B 17 -7.18 15.20 1.31
N VAL B 18 -7.62 14.21 2.08
CA VAL B 18 -8.11 14.45 3.45
C VAL B 18 -7.24 13.64 4.44
N GLN B 19 -7.12 14.07 5.70
CA GLN B 19 -6.32 13.29 6.67
C GLN B 19 -6.75 11.84 6.84
N GLY B 20 -8.06 11.59 6.96
CA GLY B 20 -8.57 10.25 7.13
C GLY B 20 -9.94 10.08 6.55
N VAL B 21 -10.32 8.81 6.33
CA VAL B 21 -11.68 8.43 5.90
C VAL B 21 -12.15 7.34 6.84
N ASP B 22 -13.38 7.48 7.33
CA ASP B 22 -14.03 6.47 8.22
C ASP B 22 -15.10 5.79 7.40
N LEU B 23 -14.94 4.50 7.16
CA LEU B 23 -15.88 3.76 6.33
C LEU B 23 -16.93 3.03 7.19
N GLY B 24 -16.83 3.12 8.52
CA GLY B 24 -17.73 2.38 9.41
C GLY B 24 -17.00 1.24 10.10
N SER B 25 -16.69 0.16 9.39
CA SER B 25 -15.81 -0.89 9.90
C SER B 25 -14.30 -0.53 9.94
N MET B 26 -13.83 0.23 8.95
CA MET B 26 -12.42 0.63 8.93
C MET B 26 -12.15 2.08 8.73
N VAL B 27 -10.97 2.47 9.19
CA VAL B 27 -10.43 3.81 9.00
C VAL B 27 -9.11 3.78 8.24
N PHE B 28 -9.02 4.54 7.18
CA PHE B 28 -7.79 4.71 6.40
C PHE B 28 -7.21 6.10 6.67
N THR B 29 -5.91 6.19 6.93
CA THR B 29 -5.28 7.51 7.06
C THR B 29 -4.51 7.80 5.76
N SER B 30 -4.39 9.07 5.39
CA SER B 30 -3.29 9.47 4.53
C SER B 30 -1.91 9.10 5.17
N GLY B 31 -0.88 8.97 4.31
CA GLY B 31 0.50 8.90 4.74
C GLY B 31 0.85 10.09 5.60
N GLN B 32 1.33 9.82 6.80
CA GLN B 32 1.73 10.89 7.73
C GLN B 32 3.25 11.08 7.78
N ILE B 33 3.65 12.30 7.50
CA ILE B 33 5.04 12.76 7.63
C ILE B 33 5.25 13.52 8.97
N PRO B 34 6.51 13.57 9.45
CA PRO B 34 6.87 14.23 10.73
C PRO B 34 6.88 15.76 10.72
N VAL B 35 5.72 16.34 10.43
CA VAL B 35 5.53 17.75 10.51
C VAL B 35 4.77 17.99 11.81
N PRO B 37 2.14 19.58 14.07
CA PRO B 37 0.89 20.36 13.84
C PRO B 37 0.93 21.84 14.31
N GLN B 38 1.61 22.13 15.42
CA GLN B 38 1.70 23.48 16.01
C GLN B 38 2.76 24.42 15.40
N THR B 39 3.83 23.86 14.80
CA THR B 39 4.90 24.71 14.27
C THR B 39 5.01 24.65 12.73
N GLY B 40 4.45 23.61 12.12
CA GLY B 40 4.63 23.37 10.72
C GLY B 40 6.02 22.88 10.34
N GLU B 41 6.84 22.54 11.36
CA GLU B 41 8.28 22.21 11.17
C GLU B 41 8.55 20.70 11.33
N ILE B 42 9.76 20.33 10.94
CA ILE B 42 10.21 18.96 10.94
C ILE B 42 11.39 18.77 11.91
N PRO B 43 11.23 17.93 12.96
CA PRO B 43 12.43 17.76 13.81
C PRO B 43 13.57 17.02 13.05
N ALA B 44 14.81 17.39 13.34
CA ALA B 44 15.93 16.87 12.63
C ALA B 44 16.19 15.40 12.98
N ASP B 45 15.94 15.00 14.23
CA ASP B 45 16.35 13.64 14.70
C ASP B 45 15.31 12.56 14.31
N VAL B 46 15.77 11.43 13.80
CA VAL B 46 14.87 10.39 13.32
C VAL B 46 13.98 9.73 14.41
N GLN B 47 14.42 9.71 15.68
CA GLN B 47 13.52 9.26 16.76
C GLN B 47 12.34 10.20 16.94
N ASP B 48 12.64 11.50 16.94
CA ASP B 48 11.61 12.54 16.91
C ASP B 48 10.73 12.41 15.69
N GLN B 49 11.29 12.32 14.49
CA GLN B 49 10.49 12.08 13.29
C GLN B 49 9.58 10.86 13.33
N ALA B 50 10.11 9.73 13.80
CA ALA B 50 9.31 8.49 13.92
C ALA B 50 8.11 8.65 14.89
N ARG B 51 8.38 9.11 16.11
CA ARG B 51 7.39 9.50 17.11
C ARG B 51 6.28 10.45 16.61
N LEU B 52 6.69 11.54 16.02
CA LEU B 52 5.77 12.47 15.37
C LEU B 52 4.84 11.91 14.24
N SER B 53 5.36 11.25 13.19
CA SER B 53 4.48 10.49 12.26
C SER B 53 3.48 9.61 13.01
N LEU B 54 3.96 8.85 14.00
CA LEU B 54 3.14 7.97 14.81
C LEU B 54 2.03 8.73 15.63
N GLU B 55 2.39 9.85 16.28
CA GLU B 55 1.41 10.79 16.89
C GLU B 55 0.42 11.35 15.89
N ASN B 56 0.93 11.81 14.74
CA ASN B 56 0.04 12.26 13.67
C ASN B 56 -0.97 11.19 13.21
N VAL B 57 -0.51 9.94 13.07
CA VAL B 57 -1.42 8.80 12.74
C VAL B 57 -2.50 8.67 13.83
N LYS B 58 -2.06 8.64 15.08
CA LYS B 58 -2.89 8.47 16.25
C LYS B 58 -3.98 9.55 16.41
N ALA B 59 -3.62 10.80 16.10
CA ALA B 59 -4.53 11.95 16.08
C ALA B 59 -5.71 11.74 15.15
N ILE B 60 -5.47 11.19 13.96
CA ILE B 60 -6.53 10.91 12.99
C ILE B 60 -7.42 9.72 13.41
N VAL B 61 -6.77 8.65 13.88
CA VAL B 61 -7.44 7.43 14.30
C VAL B 61 -8.36 7.75 15.48
N VAL B 62 -7.83 8.53 16.42
CA VAL B 62 -8.52 9.04 17.61
C VAL B 62 -9.68 10.00 17.23
N ALA B 63 -9.46 10.85 16.21
CA ALA B 63 -10.58 11.66 15.70
C ALA B 63 -11.77 10.82 15.19
N ALA B 64 -11.51 9.60 14.74
CA ALA B 64 -12.56 8.70 14.28
C ALA B 64 -13.26 7.93 15.42
N GLY B 65 -12.79 8.08 16.67
CA GLY B 65 -13.39 7.43 17.83
C GLY B 65 -12.70 6.12 18.10
N LEU B 66 -11.49 5.99 17.56
CA LEU B 66 -10.77 4.75 17.70
C LEU B 66 -9.52 4.96 18.56
N SER B 67 -8.71 3.94 18.70
CA SER B 67 -7.48 4.06 19.49
C SER B 67 -6.30 3.36 18.78
N VAL B 68 -5.08 3.57 19.29
CA VAL B 68 -3.88 2.91 18.77
C VAL B 68 -4.06 1.39 18.60
N GLY B 69 -4.67 0.76 19.60
CA GLY B 69 -4.89 -0.69 19.59
C GLY B 69 -5.84 -1.19 18.53
N ASP B 70 -6.47 -0.27 17.80
CA ASP B 70 -7.35 -0.66 16.69
C ASP B 70 -6.66 -0.59 15.33
N ILE B 71 -5.40 -0.12 15.31
CA ILE B 71 -4.58 -0.05 14.09
C ILE B 71 -4.12 -1.45 13.69
N ILE B 72 -4.44 -1.87 12.46
CA ILE B 72 -4.20 -3.26 12.04
C ILE B 72 -3.15 -3.48 11.02
N LYS B 73 -2.81 -2.44 10.26
CA LYS B 73 -1.82 -2.45 9.22
C LYS B 73 -1.19 -1.08 9.13
N MET B 74 0.16 -1.03 9.11
CA MET B 74 0.94 0.17 8.74
C MET B 74 1.90 -0.12 7.61
N THR B 75 2.11 0.86 6.75
CA THR B 75 3.23 0.82 5.84
C THR B 75 4.13 1.98 6.27
N VAL B 76 5.38 1.61 6.51
CA VAL B 76 6.43 2.55 6.86
C VAL B 76 7.39 2.73 5.66
N PHE B 77 7.32 3.91 5.03
CA PHE B 77 8.24 4.25 3.94
C PHE B 77 9.41 5.06 4.49
N ILE B 78 10.64 4.63 4.23
CA ILE B 78 11.77 5.29 4.83
C ILE B 78 12.77 5.66 3.73
N THR B 79 13.58 6.68 3.94
CA THR B 79 14.65 6.98 3.01
C THR B 79 16.05 6.38 3.32
N ASP B 80 16.23 5.77 4.50
CA ASP B 80 17.53 5.27 4.83
C ASP B 80 17.41 4.13 5.79
N LEU B 81 17.66 2.92 5.30
CA LEU B 81 17.61 1.71 6.13
C LEU B 81 18.51 1.65 7.36
N ASN B 82 19.60 2.41 7.35
CA ASN B 82 20.41 2.65 8.53
C ASN B 82 19.62 3.29 9.67
N ASP B 83 18.46 3.91 9.36
CA ASP B 83 17.59 4.49 10.40
C ASP B 83 16.67 3.44 11.00
N PHE B 84 16.53 2.33 10.31
CA PHE B 84 15.58 1.28 10.68
C PHE B 84 15.54 0.78 12.14
N ALA B 85 16.68 0.33 12.68
CA ALA B 85 16.75 -0.14 14.08
C ALA B 85 16.20 0.94 15.06
N THR B 86 16.63 2.18 14.85
CA THR B 86 16.14 3.34 15.59
C THR B 86 14.63 3.60 15.46
N ILE B 87 14.14 3.64 14.22
CA ILE B 87 12.71 3.73 13.92
C ILE B 87 11.94 2.55 14.56
N ASN B 88 12.45 1.30 14.46
CA ASN B 88 11.76 0.16 15.12
C ASN B 88 11.58 0.35 16.58
N GLU B 89 12.63 0.86 17.22
CA GLU B 89 12.67 1.00 18.67
C GLU B 89 11.60 2.01 19.14
N VAL B 90 11.56 3.15 18.50
CA VAL B 90 10.51 4.11 18.70
C VAL B 90 9.11 3.59 18.37
N TYR B 91 8.97 2.89 17.26
CA TYR B 91 7.71 2.29 16.82
C TYR B 91 7.18 1.25 17.86
N LYS B 92 8.04 0.34 18.30
CA LYS B 92 7.72 -0.63 19.39
C LYS B 92 7.27 0.07 20.70
N GLN B 93 8.06 1.01 21.25
CA GLN B 93 7.68 1.69 22.51
C GLN B 93 6.36 2.47 22.35
N PHE B 94 6.21 3.16 21.23
CA PHE B 94 4.89 3.70 20.92
C PHE B 94 3.71 2.73 21.14
N PHE B 95 3.80 1.51 20.60
CA PHE B 95 2.71 0.54 20.76
C PHE B 95 2.67 -0.02 22.17
N ASP B 96 3.83 -0.28 22.77
CA ASP B 96 3.88 -0.79 24.13
C ASP B 96 3.20 0.21 25.08
N GLU B 97 3.55 1.49 24.95
CA GLU B 97 2.94 2.55 25.77
C GLU B 97 1.45 2.66 25.72
N HIS B 98 0.86 2.15 24.63
CA HIS B 98 -0.59 2.16 24.45
C HIS B 98 -1.17 0.82 24.76
N GLN B 99 -0.33 -0.11 25.21
CA GLN B 99 -0.74 -1.50 25.47
C GLN B 99 -1.41 -2.10 24.20
N ALA B 100 -0.85 -1.80 23.05
CA ALA B 100 -1.42 -2.28 21.81
C ALA B 100 -0.54 -3.41 21.26
N THR B 101 -1.24 -4.38 20.75
CA THR B 101 -0.68 -5.41 19.94
C THR B 101 -0.20 -4.71 18.63
N TYR B 102 0.93 -5.18 18.11
CA TYR B 102 1.51 -4.65 16.90
C TYR B 102 0.70 -4.91 15.62
N PRO B 103 0.53 -3.87 14.79
CA PRO B 103 -0.17 -4.06 13.52
C PRO B 103 0.61 -4.99 12.59
N THR B 104 -0.01 -5.46 11.50
CA THR B 104 0.79 -5.99 10.39
C THR B 104 1.55 -4.82 9.77
N ARG B 105 2.64 -5.11 9.04
CA ARG B 105 3.49 -3.98 8.57
C ARG B 105 4.29 -4.35 7.35
N SER B 106 4.41 -3.40 6.44
CA SER B 106 5.38 -3.42 5.36
C SER B 106 6.34 -2.23 5.55
N CYS B 107 7.61 -2.42 5.22
CA CYS B 107 8.60 -1.38 5.41
C CYS B 107 9.53 -1.48 4.20
N VAL B 108 9.64 -0.36 3.46
CA VAL B 108 10.50 -0.27 2.28
C VAL B 108 11.28 1.06 2.31
N GLN B 109 12.49 1.07 1.74
CA GLN B 109 13.20 2.30 1.57
C GLN B 109 12.91 2.88 0.22
N VAL B 110 12.29 4.06 0.19
CA VAL B 110 12.02 4.78 -1.07
C VAL B 110 13.18 5.70 -1.41
N ALA B 111 13.09 6.42 -2.52
CA ALA B 111 14.16 7.33 -2.90
C ALA B 111 14.04 8.70 -2.19
N ARG B 112 12.81 9.22 -2.09
CA ARG B 112 12.56 10.53 -1.51
C ARG B 112 11.12 10.62 -0.99
N LEU B 113 10.93 11.45 0.05
CA LEU B 113 9.63 11.65 0.66
C LEU B 113 9.29 13.11 0.67
N PRO B 114 8.00 13.45 0.71
CA PRO B 114 7.70 14.87 0.75
C PRO B 114 8.46 15.61 1.89
N LYS B 115 8.85 16.86 1.58
CA LYS B 115 9.61 17.77 2.45
C LYS B 115 10.94 17.16 2.91
N ASP B 116 11.34 16.05 2.29
CA ASP B 116 12.61 15.40 2.60
C ASP B 116 12.64 14.84 4.03
N VAL B 117 11.47 14.48 4.55
CA VAL B 117 11.39 13.81 5.83
C VAL B 117 12.04 12.42 5.67
N LYS B 118 12.41 11.80 6.80
CA LYS B 118 13.04 10.47 6.81
C LYS B 118 12.06 9.30 6.74
N LEU B 119 10.78 9.50 7.03
CA LEU B 119 9.82 8.42 6.97
C LEU B 119 8.46 8.95 6.74
N GLU B 120 7.57 8.06 6.28
CA GLU B 120 6.16 8.39 6.09
C GLU B 120 5.37 7.15 6.45
N ILE B 121 4.31 7.30 7.23
CA ILE B 121 3.59 6.13 7.79
C ILE B 121 2.10 6.27 7.47
N GLU B 122 1.52 5.30 6.76
CA GLU B 122 0.06 5.23 6.63
C GLU B 122 -0.56 4.09 7.46
N ALA B 123 -1.83 4.21 7.79
CA ALA B 123 -2.46 3.20 8.62
C ALA B 123 -3.83 2.85 8.14
N ILE B 124 -4.25 1.68 8.57
CA ILE B 124 -5.61 1.21 8.56
C ILE B 124 -5.91 0.68 9.98
N ALA B 125 -7.06 1.15 10.52
CA ALA B 125 -7.64 0.76 11.80
C ALA B 125 -9.04 0.15 11.59
N VAL B 126 -9.44 -0.79 12.45
CA VAL B 126 -10.81 -1.33 12.36
C VAL B 126 -11.64 -1.02 13.61
N ARG B 127 -12.94 -0.81 13.44
CA ARG B 127 -13.85 -0.49 14.55
C ARG B 127 -14.10 -1.76 15.37
N SER B 128 -14.64 -2.81 14.73
CA SER B 128 -14.79 -4.10 15.45
C SER B 128 -13.61 -5.09 15.32
N LYS C 2 -10.58 -9.06 14.74
CA LYS C 2 -9.11 -8.72 14.86
C LYS C 2 -8.23 -9.85 15.47
N LYS C 3 -8.20 -11.03 14.86
CA LYS C 3 -7.34 -12.10 15.36
C LYS C 3 -5.92 -12.03 14.80
N ILE C 4 -4.92 -12.20 15.68
CA ILE C 4 -3.51 -12.35 15.26
C ILE C 4 -3.23 -13.69 14.57
N ILE C 5 -2.43 -13.66 13.49
CA ILE C 5 -2.01 -14.87 12.81
C ILE C 5 -0.53 -15.12 13.08
N GLU C 6 -0.20 -16.36 13.44
CA GLU C 6 1.16 -16.78 13.81
C GLU C 6 1.39 -18.15 13.21
N THR C 7 2.41 -18.28 12.39
CA THR C 7 2.73 -19.55 11.76
C THR C 7 4.24 -19.75 11.76
N GLN C 8 4.68 -20.99 11.91
CA GLN C 8 6.10 -21.29 11.82
C GLN C 8 6.52 -21.55 10.37
N ARG C 9 5.54 -21.54 9.45
CA ARG C 9 5.76 -21.77 8.04
C ARG C 9 6.05 -20.44 7.35
N ALA C 10 5.99 -19.34 8.10
CA ALA C 10 6.55 -18.03 7.70
C ALA C 10 7.60 -17.58 8.70
N PRO C 11 8.58 -16.75 8.28
CA PRO C 11 9.62 -16.36 9.25
C PRO C 11 8.98 -15.65 10.44
N GLY C 12 9.52 -15.91 11.65
CA GLY C 12 9.00 -15.40 12.89
C GLY C 12 9.22 -13.91 12.93
N ALA C 13 8.39 -13.19 13.68
CA ALA C 13 8.49 -11.75 13.65
C ALA C 13 9.72 -11.28 14.37
N ILE C 14 10.55 -10.58 13.61
CA ILE C 14 11.74 -9.89 14.04
C ILE C 14 11.43 -8.77 15.05
N GLY C 15 10.79 -7.74 14.50
CA GLY C 15 10.50 -6.52 15.19
C GLY C 15 9.02 -6.44 15.50
N PRO C 16 8.53 -5.19 15.66
CA PRO C 16 7.26 -4.84 16.29
C PRO C 16 6.13 -4.83 15.27
N TYR C 17 5.79 -6.04 14.80
CA TYR C 17 4.73 -6.34 13.86
C TYR C 17 4.36 -7.82 14.04
N VAL C 18 3.11 -8.15 13.71
CA VAL C 18 2.60 -9.55 13.57
C VAL C 18 2.58 -9.95 12.08
N GLN C 19 2.70 -11.26 11.82
CA GLN C 19 2.72 -11.83 10.48
C GLN C 19 1.47 -11.54 9.71
N GLY C 20 0.34 -11.65 10.40
CA GLY C 20 -0.96 -11.46 9.79
C GLY C 20 -1.98 -11.07 10.84
N VAL C 21 -3.03 -10.38 10.38
CA VAL C 21 -4.19 -10.10 11.18
C VAL C 21 -5.42 -10.52 10.38
N ASP C 22 -6.35 -11.21 11.06
CA ASP C 22 -7.60 -11.71 10.45
C ASP C 22 -8.76 -10.90 11.04
N LEU C 23 -9.45 -10.16 10.16
CA LEU C 23 -10.51 -9.26 10.54
C LEU C 23 -11.93 -9.86 10.41
N GLY C 24 -12.01 -11.11 9.93
CA GLY C 24 -13.26 -11.75 9.70
C GLY C 24 -13.57 -11.90 8.24
N SER C 25 -13.81 -10.79 7.58
CA SER C 25 -14.07 -10.80 6.15
C SER C 25 -12.73 -10.75 5.38
N MET C 26 -11.70 -10.23 6.03
CA MET C 26 -10.49 -9.75 5.34
C MET C 26 -9.24 -10.11 6.12
N VAL C 27 -8.19 -10.56 5.45
CA VAL C 27 -6.89 -10.87 6.06
C VAL C 27 -5.75 -10.03 5.42
N PHE C 28 -4.96 -9.35 6.26
CA PHE C 28 -3.82 -8.56 5.81
C PHE C 28 -2.56 -9.25 6.27
N THR C 29 -1.60 -9.39 5.36
CA THR C 29 -0.30 -9.92 5.78
C THR C 29 0.64 -8.74 5.86
N SER C 30 1.62 -8.86 6.75
CA SER C 30 2.85 -8.06 6.61
C SER C 30 3.55 -8.27 5.27
N GLY C 31 4.41 -7.33 4.91
CA GLY C 31 5.35 -7.54 3.84
C GLY C 31 6.30 -8.69 4.06
N GLN C 32 6.23 -9.70 3.20
CA GLN C 32 7.09 -10.87 3.31
C GLN C 32 8.35 -10.78 2.44
N ILE C 33 9.46 -11.17 3.03
CA ILE C 33 10.74 -11.12 2.39
C ILE C 33 11.22 -12.56 2.31
N PRO C 34 12.13 -12.86 1.33
CA PRO C 34 12.66 -14.19 1.10
C PRO C 34 13.66 -14.71 2.20
N VAL C 35 13.18 -14.76 3.45
CA VAL C 35 13.89 -15.37 4.55
C VAL C 35 13.28 -16.77 4.78
N PRO C 37 11.90 -19.73 6.69
CA PRO C 37 11.33 -19.82 8.05
C PRO C 37 12.06 -20.73 9.07
N GLN C 38 12.78 -21.77 8.60
CA GLN C 38 13.62 -22.64 9.48
C GLN C 38 15.05 -22.14 9.72
N THR C 39 15.74 -21.84 8.63
CA THR C 39 17.18 -21.60 8.65
C THR C 39 17.49 -20.12 8.82
N GLY C 40 16.49 -19.26 8.59
CA GLY C 40 16.69 -17.79 8.57
C GLY C 40 17.56 -17.28 7.41
N GLU C 41 17.78 -18.16 6.42
CA GLU C 41 18.68 -17.89 5.32
C GLU C 41 17.93 -17.27 4.16
N ILE C 42 18.65 -16.48 3.36
CA ILE C 42 18.10 -15.83 2.17
C ILE C 42 18.70 -16.45 0.89
N PRO C 43 17.87 -17.04 -0.01
CA PRO C 43 18.46 -17.63 -1.23
C PRO C 43 19.05 -16.54 -2.17
N ALA C 44 20.05 -16.88 -2.97
CA ALA C 44 20.81 -15.83 -3.68
C ALA C 44 20.17 -15.49 -5.00
N ASP C 45 19.50 -16.46 -5.61
CA ASP C 45 18.85 -16.20 -6.90
C ASP C 45 17.47 -15.58 -6.71
N VAL C 46 17.18 -14.59 -7.56
CA VAL C 46 15.91 -13.91 -7.56
C VAL C 46 14.71 -14.83 -7.78
N GLN C 47 14.84 -15.81 -8.67
CA GLN C 47 13.75 -16.75 -8.85
C GLN C 47 13.42 -17.57 -7.60
N ASP C 48 14.43 -17.82 -6.76
CA ASP C 48 14.23 -18.52 -5.52
C ASP C 48 13.70 -17.57 -4.45
N GLN C 49 14.16 -16.31 -4.46
CA GLN C 49 13.59 -15.26 -3.60
C GLN C 49 12.08 -15.04 -3.84
N ALA C 50 11.67 -14.99 -5.10
CA ALA C 50 10.26 -14.77 -5.46
C ALA C 50 9.36 -15.90 -4.97
N ARG C 51 9.77 -17.13 -5.24
CA ARG C 51 9.07 -18.31 -4.73
C ARG C 51 8.96 -18.31 -3.19
N LEU C 52 10.04 -17.98 -2.52
CA LEU C 52 10.06 -17.98 -1.06
C LEU C 52 9.21 -16.82 -0.42
N SER C 53 9.26 -15.59 -0.95
CA SER C 53 8.30 -14.58 -0.48
C SER C 53 6.87 -15.06 -0.65
N LEU C 54 6.54 -15.50 -1.88
CA LEU C 54 5.25 -16.13 -2.16
C LEU C 54 4.82 -17.23 -1.16
N GLU C 55 5.65 -18.26 -0.95
CA GLU C 55 5.38 -19.28 0.08
C GLU C 55 5.11 -18.65 1.43
N ASN C 56 5.87 -17.60 1.80
CA ASN C 56 5.74 -16.96 3.14
C ASN C 56 4.39 -16.24 3.26
N VAL C 57 3.95 -15.64 2.16
CA VAL C 57 2.61 -15.04 2.07
C VAL C 57 1.58 -16.13 2.23
N LYS C 58 1.72 -17.20 1.43
CA LYS C 58 0.83 -18.35 1.48
C LYS C 58 0.66 -18.91 2.89
N ALA C 59 1.78 -19.15 3.58
CA ALA C 59 1.77 -19.69 4.95
C ALA C 59 0.85 -18.92 5.88
N ILE C 60 0.87 -17.59 5.80
CA ILE C 60 0.06 -16.72 6.70
C ILE C 60 -1.42 -16.77 6.33
N VAL C 61 -1.69 -16.82 5.03
CA VAL C 61 -3.03 -16.86 4.50
C VAL C 61 -3.68 -18.19 4.82
N VAL C 62 -2.96 -19.31 4.60
CA VAL C 62 -3.40 -20.65 5.02
C VAL C 62 -3.56 -20.81 6.55
N ALA C 63 -2.67 -20.22 7.34
CA ALA C 63 -2.80 -20.19 8.80
C ALA C 63 -4.07 -19.47 9.26
N ALA C 64 -4.62 -18.65 8.39
CA ALA C 64 -5.84 -17.95 8.70
C ALA C 64 -7.05 -18.82 8.31
N GLY C 65 -6.83 -19.97 7.70
CA GLY C 65 -7.90 -20.78 7.11
C GLY C 65 -8.30 -20.44 5.68
N LEU C 66 -7.49 -19.70 4.95
CA LEU C 66 -7.88 -19.22 3.59
C LEU C 66 -6.93 -19.85 2.57
N SER C 67 -7.19 -19.67 1.29
CA SER C 67 -6.29 -20.23 0.29
C SER C 67 -5.68 -19.15 -0.59
N VAL C 68 -4.75 -19.57 -1.45
CA VAL C 68 -4.10 -18.71 -2.45
C VAL C 68 -5.16 -17.99 -3.31
N GLY C 69 -6.22 -18.75 -3.67
CA GLY C 69 -7.38 -18.24 -4.45
C GLY C 69 -8.24 -17.12 -3.90
N ASP C 70 -8.03 -16.77 -2.63
CA ASP C 70 -8.79 -15.77 -1.88
C ASP C 70 -7.98 -14.46 -1.73
N ILE C 71 -6.72 -14.49 -2.16
CA ILE C 71 -5.85 -13.32 -2.32
C ILE C 71 -6.37 -12.47 -3.48
N ILE C 72 -6.69 -11.23 -3.11
CA ILE C 72 -7.35 -10.30 -4.02
C ILE C 72 -6.51 -9.09 -4.40
N LYS C 73 -5.42 -8.84 -3.63
CA LYS C 73 -4.52 -7.70 -3.81
C LYS C 73 -3.13 -8.10 -3.33
N MET C 74 -2.10 -7.87 -4.17
CA MET C 74 -0.69 -7.91 -3.72
C MET C 74 0.03 -6.61 -4.07
N THR C 75 1.07 -6.28 -3.31
CA THR C 75 2.09 -5.33 -3.78
C THR C 75 3.45 -6.03 -3.80
N VAL C 76 4.14 -5.92 -4.94
CA VAL C 76 5.46 -6.45 -5.10
C VAL C 76 6.47 -5.30 -5.13
N PHE C 77 7.21 -5.17 -4.03
CA PHE C 77 8.27 -4.16 -3.97
C PHE C 77 9.53 -4.86 -4.42
N ILE C 78 10.22 -4.28 -5.41
CA ILE C 78 11.45 -4.90 -5.97
C ILE C 78 12.62 -3.93 -5.96
N THR C 79 13.84 -4.46 -6.00
CA THR C 79 15.04 -3.59 -6.04
C THR C 79 15.64 -3.40 -7.45
N ASP C 80 15.21 -4.22 -8.41
CA ASP C 80 15.84 -4.24 -9.74
C ASP C 80 14.86 -4.69 -10.81
N LEU C 81 14.47 -3.75 -11.66
CA LEU C 81 13.60 -4.05 -12.75
C LEU C 81 14.18 -5.11 -13.70
N ASN C 82 15.49 -5.31 -13.74
CA ASN C 82 16.00 -6.41 -14.58
C ASN C 82 15.48 -7.75 -14.11
N ASP C 83 15.08 -7.83 -12.82
CA ASP C 83 14.56 -9.06 -12.19
C ASP C 83 13.09 -9.30 -12.49
N PHE C 84 12.44 -8.40 -13.22
CA PHE C 84 10.97 -8.32 -13.30
C PHE C 84 10.30 -9.48 -14.06
N ALA C 85 10.76 -9.77 -15.26
CA ALA C 85 10.27 -10.92 -16.04
C ALA C 85 10.48 -12.25 -15.31
N THR C 86 11.59 -12.39 -14.61
CA THR C 86 11.81 -13.59 -13.79
C THR C 86 10.84 -13.69 -12.61
N ILE C 87 10.68 -12.60 -11.85
CA ILE C 87 9.71 -12.55 -10.74
C ILE C 87 8.30 -12.82 -11.27
N ASN C 88 7.90 -12.15 -12.35
CA ASN C 88 6.62 -12.42 -13.01
C ASN C 88 6.32 -13.85 -13.36
N GLU C 89 7.32 -14.60 -13.84
CA GLU C 89 7.17 -16.02 -14.23
C GLU C 89 6.92 -16.89 -13.02
N VAL C 90 7.67 -16.65 -11.96
CA VAL C 90 7.44 -17.35 -10.73
C VAL C 90 6.05 -16.99 -10.15
N TYR C 91 5.67 -15.73 -10.24
CA TYR C 91 4.46 -15.24 -9.59
C TYR C 91 3.27 -15.87 -10.29
N LYS C 92 3.32 -15.87 -11.62
CA LYS C 92 2.37 -16.60 -12.52
C LYS C 92 2.28 -18.12 -12.25
N GLN C 93 3.40 -18.86 -12.26
CA GLN C 93 3.38 -20.31 -11.91
C GLN C 93 2.79 -20.54 -10.55
N PHE C 94 3.17 -19.71 -9.57
CA PHE C 94 2.61 -19.83 -8.22
C PHE C 94 1.05 -19.79 -8.21
N PHE C 95 0.44 -18.79 -8.87
CA PHE C 95 -1.04 -18.74 -8.98
C PHE C 95 -1.66 -19.85 -9.81
N ASP C 96 -1.08 -20.15 -10.97
CA ASP C 96 -1.52 -21.29 -11.81
C ASP C 96 -1.54 -22.65 -11.11
N GLU C 97 -0.54 -22.95 -10.30
CA GLU C 97 -0.43 -24.21 -9.55
C GLU C 97 -1.46 -24.37 -8.49
N HIS C 98 -1.99 -23.26 -7.98
CA HIS C 98 -3.03 -23.34 -7.01
C HIS C 98 -4.39 -23.19 -7.71
N GLN C 99 -4.37 -23.25 -9.04
CA GLN C 99 -5.53 -22.90 -9.88
C GLN C 99 -6.31 -21.72 -9.34
N ALA C 100 -5.62 -20.59 -9.21
CA ALA C 100 -6.18 -19.37 -8.65
C ALA C 100 -5.99 -18.28 -9.66
N THR C 101 -7.08 -17.54 -9.91
CA THR C 101 -6.99 -16.32 -10.70
C THR C 101 -6.00 -15.31 -10.08
N TYR C 102 -5.35 -14.51 -10.92
CA TYR C 102 -4.40 -13.51 -10.40
C TYR C 102 -5.06 -12.39 -9.61
N PRO C 103 -4.48 -12.04 -8.45
CA PRO C 103 -4.99 -10.89 -7.67
C PRO C 103 -4.82 -9.60 -8.44
N THR C 104 -5.35 -8.49 -7.91
CA THR C 104 -4.91 -7.19 -8.37
C THR C 104 -3.53 -6.97 -7.76
N ARG C 105 -2.79 -6.05 -8.36
CA ARG C 105 -1.38 -5.94 -8.06
C ARG C 105 -0.83 -4.53 -8.40
N SER C 106 0.02 -4.02 -7.50
CA SER C 106 0.97 -2.98 -7.81
C SER C 106 2.36 -3.54 -7.72
N CYS C 107 3.27 -2.96 -8.49
CA CYS C 107 4.68 -3.38 -8.55
C CYS C 107 5.57 -2.12 -8.74
N VAL C 108 6.46 -1.88 -7.79
CA VAL C 108 7.30 -0.68 -7.84
C VAL C 108 8.70 -1.14 -7.52
N GLN C 109 9.70 -0.52 -8.19
CA GLN C 109 11.10 -0.66 -7.80
C GLN C 109 11.49 0.40 -6.69
N VAL C 110 11.85 -0.09 -5.50
CA VAL C 110 12.30 0.79 -4.42
C VAL C 110 13.82 0.80 -4.41
N ALA C 111 14.40 1.67 -3.57
CA ALA C 111 15.86 1.74 -3.43
C ALA C 111 16.45 0.51 -2.74
N ARG C 112 15.85 0.13 -1.61
CA ARG C 112 16.38 -0.96 -0.82
C ARG C 112 15.27 -1.58 0.03
N LEU C 113 15.48 -2.85 0.38
CA LEU C 113 14.56 -3.62 1.24
C LEU C 113 15.26 -4.16 2.51
N PRO C 114 14.48 -4.37 3.61
CA PRO C 114 15.05 -5.02 4.82
C PRO C 114 15.90 -6.24 4.45
N LYS C 115 17.07 -6.34 5.09
CA LYS C 115 18.13 -7.34 4.81
C LYS C 115 18.64 -7.43 3.39
N ASP C 116 18.44 -6.37 2.59
CA ASP C 116 18.96 -6.34 1.22
C ASP C 116 18.44 -7.46 0.28
N VAL C 117 17.26 -7.98 0.61
CA VAL C 117 16.55 -8.91 -0.24
C VAL C 117 16.17 -8.20 -1.55
N LYS C 118 15.83 -8.97 -2.58
CA LYS C 118 15.49 -8.39 -3.88
C LYS C 118 13.99 -8.13 -4.01
N LEU C 119 13.20 -8.57 -3.04
CA LEU C 119 11.77 -8.31 -3.12
C LEU C 119 11.04 -8.45 -1.78
N GLU C 120 9.84 -7.86 -1.77
CA GLU C 120 8.98 -7.92 -0.61
C GLU C 120 7.54 -7.95 -1.12
N ILE C 121 6.75 -8.88 -0.62
CA ILE C 121 5.34 -9.01 -1.05
C ILE C 121 4.36 -8.98 0.14
N GLU C 122 3.41 -8.04 0.10
CA GLU C 122 2.28 -7.97 1.03
C GLU C 122 0.96 -8.41 0.34
N ALA C 123 0.02 -8.94 1.13
CA ALA C 123 -1.21 -9.43 0.53
C ALA C 123 -2.45 -9.08 1.34
N ILE C 124 -3.58 -9.08 0.63
CA ILE C 124 -4.89 -8.96 1.24
C ILE C 124 -5.70 -10.09 0.63
N ALA C 125 -6.24 -10.94 1.50
CA ALA C 125 -7.15 -12.02 1.18
C ALA C 125 -8.55 -11.78 1.77
N VAL C 126 -9.59 -12.30 1.13
CA VAL C 126 -10.99 -12.22 1.71
C VAL C 126 -11.59 -13.56 2.04
N ARG C 127 -12.42 -13.63 3.09
CA ARG C 127 -13.04 -14.94 3.45
C ARG C 127 -14.05 -15.48 2.42
N SER C 128 -14.94 -14.63 1.92
CA SER C 128 -15.62 -15.06 0.66
C SER C 128 -15.93 -13.97 -0.36
#